data_8ICN
#
_entry.id   8ICN
#
_cell.length_a   179.373
_cell.length_b   57.826
_cell.length_c   48.227
_cell.angle_alpha   90.00
_cell.angle_beta   90.00
_cell.angle_gamma   90.00
#
_symmetry.space_group_name_H-M   'P 21 21 2'
#
loop_
_entity.id
_entity.type
_entity.pdbx_description
1 polymer "DNA (5'-D(*CP*AP*TP*TP*AP*GP*AP*A)-3')"
2 polymer "DNA (5'-D(*TP*CP*TP*AP*AP*TP*GP*A)-3')"
3 polymer 'PROTEIN (DNA POLYMERASE BETA (E.C.2.7.7.7))'
4 non-polymer 'MANGANESE (II) ION'
5 non-polymer 'SODIUM ION'
6 non-polymer "ADENOSINE-5'-TRIPHOSPHATE"
7 water water
#
loop_
_entity_poly.entity_id
_entity_poly.type
_entity_poly.pdbx_seq_one_letter_code
_entity_poly.pdbx_strand_id
1 'polydeoxyribonucleotide' (DC)(DA)(DT)(DT)(DA)(DG)(DA)(DA) T
2 'polydeoxyribonucleotide' (DT)(DC)(DT)(DA)(DA)(DT)(DG)(DA) P
3 'polypeptide(L)'
;MSKRKAPQETLNGGITDMLTELANFEKNVSQAIHKYNAYRKAASVIAKYPHKIKSGAEAKKLPGVGTKIAEKIDEFLATG
KLRKLEKIRQDDTSSSINFLTRVSGIGPSAARKFVDEGIKTLEDLRKNEDKLNHHQRIGLKYFGDFEKRIPREEMLQMQD
IVLNEVKKVDSEYIATVCGSFRRGAESSGDMDVLLTHPSFTSESTKQPKLLHQVVEQLQKVHFITDTLSKGETKFMGVCQ
LPSKNDEKEYPHRRIDIRLIPKDQYYCGVLYFTGSDIFNKNMRAHALEKGFTINEYTIRPLGVTGVAGEPLPVDSEKDIF
DYIQWKYREPKDRSE
;
A
#
loop_
_chem_comp.id
_chem_comp.type
_chem_comp.name
_chem_comp.formula
ATP non-polymer ADENOSINE-5'-TRIPHOSPHATE 'C10 H16 N5 O13 P3'
DA DNA linking 2'-DEOXYADENOSINE-5'-MONOPHOSPHATE 'C10 H14 N5 O6 P'
DC DNA linking 2'-DEOXYCYTIDINE-5'-MONOPHOSPHATE 'C9 H14 N3 O7 P'
DG DNA linking 2'-DEOXYGUANOSINE-5'-MONOPHOSPHATE 'C10 H14 N5 O7 P'
DT DNA linking THYMIDINE-5'-MONOPHOSPHATE 'C10 H15 N2 O8 P'
MN non-polymer 'MANGANESE (II) ION' 'Mn 2'
NA non-polymer 'SODIUM ION' 'Na 1'
#
# COMPACT_ATOMS: atom_id res chain seq x y z
N GLU C 9 -21.31 -6.27 -6.64
CA GLU C 9 -21.01 -5.47 -5.46
C GLU C 9 -21.68 -6.01 -4.20
N THR C 10 -22.80 -6.71 -4.36
CA THR C 10 -23.52 -7.30 -3.24
C THR C 10 -24.34 -8.47 -3.76
N LEU C 11 -24.47 -8.49 -5.08
CA LEU C 11 -25.22 -9.57 -5.65
C LEU C 11 -24.33 -10.76 -5.79
N ASN C 12 -23.06 -10.53 -6.12
CA ASN C 12 -22.27 -11.72 -6.21
C ASN C 12 -21.23 -11.87 -5.08
N GLY C 13 -21.47 -11.01 -4.08
CA GLY C 13 -20.68 -10.89 -2.88
C GLY C 13 -20.05 -12.15 -2.28
N GLY C 14 -20.85 -13.11 -1.73
CA GLY C 14 -20.27 -14.34 -1.13
C GLY C 14 -19.43 -15.08 -2.18
N ILE C 15 -19.96 -15.04 -3.40
CA ILE C 15 -19.29 -15.70 -4.48
C ILE C 15 -17.93 -15.25 -4.67
N THR C 16 -17.75 -14.00 -4.58
CA THR C 16 -16.43 -13.48 -4.77
C THR C 16 -15.66 -13.60 -3.49
N ASP C 17 -16.37 -13.48 -2.43
CA ASP C 17 -15.61 -13.57 -1.23
C ASP C 17 -15.08 -14.97 -0.93
N MET C 18 -15.95 -15.93 -1.30
CA MET C 18 -15.55 -17.29 -1.11
C MET C 18 -14.35 -17.53 -2.01
N LEU C 19 -14.48 -16.96 -3.22
CA LEU C 19 -13.50 -17.01 -4.29
C LEU C 19 -12.17 -16.42 -3.85
N THR C 20 -12.30 -15.21 -3.26
CA THR C 20 -11.13 -14.55 -2.79
C THR C 20 -10.51 -15.31 -1.57
N GLU C 21 -11.35 -15.96 -0.74
CA GLU C 21 -10.82 -16.72 0.38
C GLU C 21 -9.88 -17.80 -0.18
N LEU C 22 -10.44 -18.58 -1.09
CA LEU C 22 -9.79 -19.68 -1.80
C LEU C 22 -8.45 -19.30 -2.38
N ALA C 23 -8.48 -18.24 -3.19
CA ALA C 23 -7.29 -17.77 -3.83
C ALA C 23 -6.18 -17.59 -2.84
N ASN C 24 -6.47 -16.67 -1.95
CA ASN C 24 -5.53 -16.34 -0.90
C ASN C 24 -4.96 -17.49 -0.21
N PHE C 25 -5.77 -18.46 -0.04
CA PHE C 25 -5.23 -19.58 0.63
C PHE C 25 -4.23 -20.32 -0.25
N GLU C 26 -4.48 -20.38 -1.53
CA GLU C 26 -3.53 -21.11 -2.33
C GLU C 26 -2.21 -20.41 -2.35
N LYS C 27 -2.32 -19.17 -2.63
CA LYS C 27 -1.17 -18.39 -2.74
C LYS C 27 -0.20 -18.42 -1.52
N ASN C 28 -0.76 -18.27 -0.30
CA ASN C 28 0.00 -18.27 0.96
C ASN C 28 0.31 -19.62 1.51
N VAL C 29 -0.72 -20.34 1.92
CA VAL C 29 -0.42 -21.64 2.45
C VAL C 29 0.18 -22.51 1.40
N SER C 30 -0.37 -22.48 0.21
CA SER C 30 0.24 -23.29 -0.82
C SER C 30 1.15 -22.47 -1.77
N GLN C 31 1.84 -23.07 -2.62
CA GLN C 31 2.59 -22.14 -3.35
C GLN C 31 2.21 -22.40 -4.74
N ALA C 32 0.87 -22.20 -4.96
CA ALA C 32 0.16 -22.41 -6.24
C ALA C 32 -0.35 -21.18 -6.95
N ILE C 33 0.56 -20.42 -7.40
CA ILE C 33 0.34 -19.20 -8.11
C ILE C 33 -0.70 -19.36 -9.25
N HIS C 34 -0.83 -20.56 -9.81
CA HIS C 34 -1.81 -20.78 -10.90
C HIS C 34 -3.25 -20.76 -10.37
N LYS C 35 -3.56 -21.75 -9.49
CA LYS C 35 -4.84 -21.91 -8.83
C LYS C 35 -5.17 -20.59 -8.17
N TYR C 36 -4.15 -20.02 -7.68
CA TYR C 36 -4.35 -18.79 -7.06
C TYR C 36 -4.77 -17.70 -8.06
N ASN C 37 -4.15 -17.75 -9.22
CA ASN C 37 -4.48 -16.81 -10.27
C ASN C 37 -5.82 -17.22 -10.82
N ALA C 38 -6.18 -18.49 -10.64
CA ALA C 38 -7.48 -18.97 -11.13
C ALA C 38 -8.61 -18.27 -10.38
N TYR C 39 -8.69 -18.58 -9.08
CA TYR C 39 -9.66 -18.03 -8.18
C TYR C 39 -9.81 -16.55 -8.37
N ARG C 40 -8.78 -15.94 -8.85
CA ARG C 40 -8.88 -14.49 -9.03
C ARG C 40 -9.56 -13.92 -10.21
N LYS C 41 -9.22 -14.40 -11.41
CA LYS C 41 -9.91 -13.83 -12.53
C LYS C 41 -11.40 -14.17 -12.38
N ALA C 42 -11.65 -15.41 -11.95
CA ALA C 42 -13.00 -15.86 -11.73
C ALA C 42 -13.72 -14.92 -10.76
N ALA C 43 -13.06 -14.65 -9.64
CA ALA C 43 -13.65 -13.72 -8.67
C ALA C 43 -13.78 -12.37 -9.36
N SER C 44 -12.82 -12.04 -10.22
CA SER C 44 -12.87 -10.78 -10.92
C SER C 44 -14.12 -10.66 -11.76
N VAL C 45 -14.30 -11.70 -12.58
CA VAL C 45 -15.43 -11.80 -13.48
C VAL C 45 -16.79 -11.96 -12.91
N ILE C 46 -17.02 -13.00 -12.07
CA ILE C 46 -18.36 -13.16 -11.48
C ILE C 46 -18.78 -11.80 -10.85
N ALA C 47 -17.77 -11.06 -10.42
CA ALA C 47 -18.01 -9.78 -9.81
C ALA C 47 -18.58 -8.76 -10.78
N LYS C 48 -18.13 -8.79 -12.03
CA LYS C 48 -18.68 -7.83 -13.00
C LYS C 48 -20.13 -8.19 -13.42
N TYR C 49 -20.42 -9.48 -13.44
CA TYR C 49 -21.71 -9.96 -13.81
C TYR C 49 -22.84 -9.33 -13.04
N PRO C 50 -23.72 -8.85 -13.91
CA PRO C 50 -24.96 -8.15 -13.74
C PRO C 50 -26.12 -8.96 -13.17
N HIS C 51 -25.95 -10.23 -12.84
CA HIS C 51 -27.15 -10.82 -12.34
C HIS C 51 -26.88 -11.78 -11.23
N LYS C 52 -27.93 -12.12 -10.51
CA LYS C 52 -27.75 -13.06 -9.44
C LYS C 52 -27.34 -14.45 -9.95
N ILE C 53 -26.11 -14.85 -9.61
CA ILE C 53 -25.71 -16.15 -10.07
C ILE C 53 -26.53 -17.21 -9.35
N LYS C 54 -27.21 -18.00 -10.19
CA LYS C 54 -28.06 -19.04 -9.69
C LYS C 54 -27.52 -20.44 -9.61
N SER C 55 -26.44 -20.68 -10.30
CA SER C 55 -25.88 -22.00 -10.22
C SER C 55 -24.52 -22.05 -10.88
N GLY C 56 -23.90 -23.20 -10.72
CA GLY C 56 -22.61 -23.39 -11.28
C GLY C 56 -22.66 -23.12 -12.77
N ALA C 57 -23.49 -23.88 -13.45
CA ALA C 57 -23.60 -23.72 -14.89
C ALA C 57 -23.75 -22.32 -15.38
N GLU C 58 -24.57 -21.56 -14.66
CA GLU C 58 -24.79 -20.21 -15.03
C GLU C 58 -23.48 -19.53 -15.01
N ALA C 59 -22.74 -19.75 -13.87
CA ALA C 59 -21.42 -19.14 -13.72
C ALA C 59 -20.51 -19.62 -14.77
N LYS C 60 -20.55 -20.93 -14.82
CA LYS C 60 -19.75 -21.76 -15.72
C LYS C 60 -19.47 -21.19 -17.10
N LYS C 61 -20.52 -20.57 -17.69
CA LYS C 61 -20.53 -19.93 -18.99
C LYS C 61 -19.50 -18.84 -19.07
N LEU C 62 -19.09 -18.44 -17.89
CA LEU C 62 -18.12 -17.40 -17.78
C LEU C 62 -16.69 -17.79 -18.14
N PRO C 63 -16.07 -16.79 -18.73
CA PRO C 63 -14.73 -16.91 -19.11
C PRO C 63 -14.03 -17.02 -17.77
N GLY C 64 -13.17 -18.01 -17.66
CA GLY C 64 -12.41 -18.23 -16.45
C GLY C 64 -13.10 -19.10 -15.45
N VAL C 65 -14.36 -19.38 -15.68
CA VAL C 65 -14.96 -20.22 -14.69
C VAL C 65 -15.06 -21.59 -15.26
N GLY C 66 -14.40 -22.43 -14.55
CA GLY C 66 -14.33 -23.78 -14.91
C GLY C 66 -15.28 -24.62 -14.11
N THR C 67 -15.09 -25.88 -14.34
CA THR C 67 -15.82 -26.90 -13.73
C THR C 67 -15.39 -26.93 -12.29
N LYS C 68 -14.11 -26.57 -12.06
CA LYS C 68 -13.63 -26.57 -10.68
C LYS C 68 -14.36 -25.68 -9.74
N ILE C 69 -14.38 -24.41 -10.13
CA ILE C 69 -15.03 -23.38 -9.38
C ILE C 69 -16.54 -23.50 -9.33
N ALA C 70 -17.12 -23.66 -10.52
CA ALA C 70 -18.52 -23.84 -10.73
C ALA C 70 -18.97 -24.89 -9.72
N GLU C 71 -18.13 -25.87 -9.53
CA GLU C 71 -18.46 -26.87 -8.57
C GLU C 71 -18.59 -26.31 -7.16
N LYS C 72 -17.69 -25.40 -6.83
CA LYS C 72 -17.69 -24.79 -5.53
C LYS C 72 -18.85 -23.88 -5.44
N ILE C 73 -19.15 -23.19 -6.56
CA ILE C 73 -20.27 -22.30 -6.56
C ILE C 73 -21.54 -23.05 -6.10
N ASP C 74 -21.79 -24.22 -6.68
CA ASP C 74 -22.99 -24.94 -6.24
C ASP C 74 -23.07 -25.22 -4.74
N GLU C 75 -22.07 -25.88 -4.19
CA GLU C 75 -22.03 -26.21 -2.80
C GLU C 75 -22.18 -24.97 -1.99
N PHE C 76 -21.61 -23.92 -2.48
CA PHE C 76 -21.77 -22.74 -1.74
C PHE C 76 -23.14 -22.18 -1.90
N LEU C 77 -23.74 -22.29 -3.09
CA LEU C 77 -25.10 -21.72 -3.18
C LEU C 77 -26.06 -22.67 -2.53
N ALA C 78 -25.81 -23.95 -2.69
CA ALA C 78 -26.69 -24.92 -2.09
C ALA C 78 -26.73 -24.88 -0.53
N THR C 79 -25.58 -24.75 0.15
CA THR C 79 -25.45 -24.68 1.61
C THR C 79 -24.62 -23.46 1.90
N GLY C 80 -24.97 -22.65 2.88
CA GLY C 80 -24.14 -21.46 3.10
C GLY C 80 -22.67 -21.69 3.47
N LYS C 81 -22.04 -22.72 2.93
CA LYS C 81 -20.67 -22.95 3.28
C LYS C 81 -19.97 -23.68 2.22
N LEU C 82 -18.76 -24.10 2.57
CA LEU C 82 -17.88 -24.86 1.68
C LEU C 82 -16.98 -25.74 2.58
N ARG C 83 -16.78 -27.04 2.29
CA ARG C 83 -15.92 -27.76 3.21
C ARG C 83 -14.54 -27.22 3.21
N LYS C 84 -13.96 -27.14 2.03
CA LYS C 84 -12.61 -26.65 1.90
C LYS C 84 -12.42 -25.36 2.68
N LEU C 85 -13.40 -24.54 2.58
CA LEU C 85 -13.31 -23.31 3.28
C LEU C 85 -13.35 -23.61 4.76
N GLU C 86 -14.18 -24.55 5.17
CA GLU C 86 -14.22 -24.85 6.59
C GLU C 86 -12.96 -25.52 7.11
N LYS C 87 -12.47 -26.52 6.35
CA LYS C 87 -11.27 -27.23 6.73
C LYS C 87 -10.10 -26.20 6.87
N ILE C 88 -9.88 -25.36 5.86
CA ILE C 88 -8.81 -24.35 5.87
C ILE C 88 -8.87 -23.39 7.01
N ARG C 89 -10.04 -22.91 7.25
CA ARG C 89 -10.24 -21.97 8.29
C ARG C 89 -9.81 -22.60 9.63
N GLN C 90 -9.94 -23.94 9.72
CA GLN C 90 -9.60 -24.72 10.91
C GLN C 90 -8.13 -24.95 11.09
N ASP C 91 -7.52 -25.39 9.98
CA ASP C 91 -6.10 -25.73 9.83
C ASP C 91 -5.09 -24.85 10.48
N ASP C 92 -4.70 -25.37 11.61
CA ASP C 92 -3.75 -24.77 12.46
C ASP C 92 -2.57 -24.36 11.65
N THR C 93 -2.16 -25.19 10.72
CA THR C 93 -1.02 -24.76 9.95
C THR C 93 -1.23 -23.51 9.11
N SER C 94 -2.26 -23.58 8.31
CA SER C 94 -2.50 -22.47 7.49
C SER C 94 -2.87 -21.27 8.33
N SER C 95 -3.47 -21.48 9.51
CA SER C 95 -3.85 -20.36 10.39
C SER C 95 -2.60 -19.59 10.76
N SER C 96 -1.64 -20.41 11.17
CA SER C 96 -0.33 -19.97 11.59
C SER C 96 0.34 -19.13 10.56
N ILE C 97 0.25 -19.54 9.34
CA ILE C 97 0.90 -18.76 8.31
C ILE C 97 0.17 -17.48 8.11
N ASN C 98 -1.11 -17.56 8.26
CA ASN C 98 -1.89 -16.41 8.07
C ASN C 98 -1.51 -15.29 8.99
N PHE C 99 -1.21 -15.68 10.21
CA PHE C 99 -0.80 -14.83 11.32
C PHE C 99 0.68 -14.25 11.31
N LEU C 100 1.70 -15.12 11.27
CA LEU C 100 3.09 -14.71 11.26
C LEU C 100 3.32 -13.63 10.23
N THR C 101 2.60 -13.82 9.15
CA THR C 101 2.62 -12.95 8.02
C THR C 101 2.31 -11.52 8.51
N ARG C 102 1.65 -11.39 9.65
CA ARG C 102 1.35 -10.04 10.15
C ARG C 102 2.49 -9.23 10.61
N VAL C 103 3.60 -9.89 10.86
CA VAL C 103 4.78 -9.21 11.32
C VAL C 103 5.40 -8.41 10.19
N SER C 104 5.82 -7.21 10.43
CA SER C 104 6.38 -6.48 9.35
C SER C 104 7.63 -7.16 8.99
N GLY C 105 7.68 -7.62 7.77
CA GLY C 105 8.83 -8.30 7.27
C GLY C 105 8.70 -9.80 7.11
N ILE C 106 7.53 -10.32 7.35
CA ILE C 106 7.40 -11.73 7.22
C ILE C 106 6.44 -11.91 6.12
N GLY C 107 6.92 -12.50 5.05
CA GLY C 107 6.13 -12.79 3.90
C GLY C 107 5.72 -14.22 4.12
N PRO C 108 4.98 -14.73 3.18
CA PRO C 108 4.50 -16.08 3.24
C PRO C 108 5.64 -17.07 3.26
N SER C 109 6.61 -16.75 2.41
CA SER C 109 7.78 -17.59 2.30
C SER C 109 8.42 -17.90 3.64
N ALA C 110 8.65 -16.84 4.37
CA ALA C 110 9.22 -17.03 5.65
C ALA C 110 8.16 -17.58 6.63
N ALA C 111 6.88 -17.25 6.37
CA ALA C 111 5.92 -17.78 7.31
C ALA C 111 5.92 -19.30 7.22
N ARG C 112 5.97 -19.84 6.02
CA ARG C 112 5.98 -21.31 5.93
C ARG C 112 7.20 -21.92 6.59
N LYS C 113 8.34 -21.33 6.32
CA LYS C 113 9.55 -21.81 6.86
C LYS C 113 9.53 -21.79 8.37
N PHE C 114 9.14 -20.66 8.94
CA PHE C 114 9.10 -20.54 10.38
C PHE C 114 8.27 -21.64 10.99
N VAL C 115 7.11 -21.79 10.38
CA VAL C 115 6.14 -22.80 10.81
C VAL C 115 6.70 -24.16 10.74
N ASP C 116 7.36 -24.41 9.61
CA ASP C 116 7.94 -25.68 9.43
C ASP C 116 8.83 -25.92 10.56
N GLU C 117 9.73 -24.99 10.82
CA GLU C 117 10.61 -25.12 11.95
C GLU C 117 9.80 -25.27 13.23
N GLY C 118 8.54 -24.81 13.25
CA GLY C 118 7.70 -24.91 14.47
C GLY C 118 7.41 -23.55 15.16
N ILE C 119 7.68 -22.47 14.46
CA ILE C 119 7.39 -21.20 15.06
C ILE C 119 5.98 -20.86 14.65
N LYS C 120 5.09 -20.89 15.54
CA LYS C 120 3.78 -20.59 15.15
C LYS C 120 3.27 -19.31 15.82
N THR C 121 3.57 -19.21 17.09
CA THR C 121 3.21 -18.10 17.90
C THR C 121 4.29 -17.01 17.96
N LEU C 122 3.82 -15.85 18.41
CA LEU C 122 4.55 -14.63 18.60
C LEU C 122 5.58 -14.91 19.63
N GLU C 123 5.14 -15.64 20.59
CA GLU C 123 6.05 -16.00 21.62
C GLU C 123 7.16 -16.89 21.02
N ASP C 124 6.80 -17.69 20.04
CA ASP C 124 7.77 -18.54 19.42
C ASP C 124 8.77 -17.65 18.82
N LEU C 125 8.22 -16.77 18.07
CA LEU C 125 8.94 -15.79 17.35
C LEU C 125 9.92 -15.13 18.26
N ARG C 126 9.54 -15.03 19.50
CA ARG C 126 10.43 -14.39 20.49
C ARG C 126 11.68 -15.17 20.90
N LYS C 127 11.52 -16.44 21.31
CA LYS C 127 12.62 -17.29 21.73
C LYS C 127 13.63 -17.54 20.66
N ASN C 128 13.24 -17.11 19.52
CA ASN C 128 14.08 -17.27 18.41
C ASN C 128 14.27 -16.00 17.69
N GLU C 129 14.51 -14.91 18.38
CA GLU C 129 14.67 -13.67 17.66
C GLU C 129 15.80 -13.78 16.63
N ASP C 130 16.72 -14.61 16.98
CA ASP C 130 17.89 -14.89 16.19
C ASP C 130 17.66 -15.35 14.78
N LYS C 131 16.61 -16.11 14.59
CA LYS C 131 16.33 -16.61 13.27
C LYS C 131 15.74 -15.56 12.38
N LEU C 132 15.46 -14.44 13.04
CA LEU C 132 14.87 -13.27 12.46
C LEU C 132 15.85 -12.19 12.01
N ASN C 133 15.66 -11.60 10.82
CA ASN C 133 16.57 -10.54 10.39
C ASN C 133 16.11 -9.19 11.02
N HIS C 134 16.89 -8.10 10.90
CA HIS C 134 16.53 -6.80 11.49
C HIS C 134 15.11 -6.30 11.24
N HIS C 135 14.66 -6.31 9.97
CA HIS C 135 13.32 -5.86 9.66
C HIS C 135 12.32 -6.60 10.52
N GLN C 136 12.35 -7.91 10.45
CA GLN C 136 11.42 -8.68 11.29
C GLN C 136 11.64 -8.50 12.80
N ARG C 137 12.83 -8.11 13.20
CA ARG C 137 13.12 -7.91 14.60
C ARG C 137 12.37 -6.70 15.02
N ILE C 138 12.49 -5.70 14.21
CA ILE C 138 11.76 -4.53 14.57
C ILE C 138 10.31 -4.77 14.43
N GLY C 139 9.99 -5.42 13.35
CA GLY C 139 8.61 -5.73 13.06
C GLY C 139 8.00 -6.46 14.24
N LEU C 140 8.79 -7.30 14.86
CA LEU C 140 8.31 -8.06 16.02
C LEU C 140 8.23 -7.21 17.25
N LYS C 141 9.24 -6.42 17.42
CA LYS C 141 9.33 -5.52 18.53
C LYS C 141 8.07 -4.63 18.72
N TYR C 142 7.67 -3.93 17.66
CA TYR C 142 6.51 -3.04 17.62
C TYR C 142 5.28 -3.65 17.03
N PHE C 143 5.13 -4.92 17.15
CA PHE C 143 4.00 -5.60 16.61
C PHE C 143 2.66 -4.96 17.00
N GLY C 144 2.50 -4.58 18.27
CA GLY C 144 1.30 -3.92 18.77
C GLY C 144 1.22 -2.55 18.07
N ASP C 145 2.17 -1.65 18.32
CA ASP C 145 2.18 -0.36 17.70
C ASP C 145 2.01 -0.37 16.17
N PHE C 146 2.43 -1.41 15.49
CA PHE C 146 2.27 -1.35 14.05
C PHE C 146 0.86 -1.65 13.61
N GLU C 147 0.14 -2.33 14.51
CA GLU C 147 -1.22 -2.67 14.15
C GLU C 147 -2.28 -1.60 14.36
N LYS C 148 -1.90 -0.53 15.13
CA LYS C 148 -2.76 0.59 15.49
C LYS C 148 -2.90 1.71 14.48
N ARG C 149 -4.13 2.22 14.32
CA ARG C 149 -4.38 3.31 13.38
C ARG C 149 -3.74 4.61 13.86
N ILE C 150 -3.34 5.50 12.94
CA ILE C 150 -2.71 6.74 13.44
C ILE C 150 -3.73 7.87 13.55
N PRO C 151 -4.08 8.33 14.78
CA PRO C 151 -5.05 9.39 14.87
C PRO C 151 -4.49 10.66 14.24
N ARG C 152 -5.31 11.22 13.33
CA ARG C 152 -5.02 12.43 12.61
C ARG C 152 -4.44 13.48 13.53
N GLU C 153 -5.00 13.53 14.76
CA GLU C 153 -4.60 14.45 15.79
C GLU C 153 -3.11 14.47 15.95
N GLU C 154 -2.47 13.26 15.79
CA GLU C 154 -1.02 13.04 15.90
C GLU C 154 -0.31 13.25 14.58
N MET C 155 -1.05 12.92 13.53
CA MET C 155 -0.59 13.07 12.17
C MET C 155 -0.15 14.51 12.09
N LEU C 156 -1.05 15.40 12.59
CA LEU C 156 -0.81 16.86 12.65
C LEU C 156 0.49 17.17 13.44
N GLN C 157 0.67 16.57 14.64
CA GLN C 157 1.91 16.82 15.39
C GLN C 157 3.16 16.28 14.70
N MET C 158 3.02 15.11 14.07
CA MET C 158 4.15 14.47 13.36
C MET C 158 4.53 15.32 12.13
N GLN C 159 3.49 15.68 11.32
CA GLN C 159 3.74 16.49 10.14
C GLN C 159 4.39 17.76 10.55
N ASP C 160 3.93 18.21 11.69
CA ASP C 160 4.45 19.42 12.21
C ASP C 160 5.91 19.26 12.37
N ILE C 161 6.27 18.21 13.05
CA ILE C 161 7.68 17.98 13.25
C ILE C 161 8.53 17.79 12.02
N VAL C 162 8.08 16.94 11.09
CA VAL C 162 8.91 16.73 9.93
C VAL C 162 9.27 17.97 9.18
N LEU C 163 8.28 18.72 8.89
CA LEU C 163 8.38 19.92 8.17
C LEU C 163 9.37 20.83 8.66
N ASN C 164 9.39 20.91 9.98
CA ASN C 164 10.33 21.78 10.65
C ASN C 164 11.77 21.43 10.49
N GLU C 165 12.13 20.20 10.82
CA GLU C 165 13.49 19.87 10.65
C GLU C 165 13.89 20.04 9.22
N VAL C 166 13.09 19.45 8.32
CA VAL C 166 13.30 19.50 6.87
C VAL C 166 13.75 20.88 6.42
N LYS C 167 13.02 21.86 6.94
CA LYS C 167 13.28 23.24 6.64
C LYS C 167 14.50 23.69 7.34
N LYS C 168 14.67 23.18 8.55
CA LYS C 168 15.83 23.56 9.29
C LYS C 168 17.09 23.22 8.58
N VAL C 169 17.15 22.03 8.05
CA VAL C 169 18.36 21.69 7.35
C VAL C 169 18.55 22.52 6.08
N ASP C 170 17.85 22.26 5.03
CA ASP C 170 18.08 23.09 3.94
C ASP C 170 16.76 23.72 3.84
N SER C 171 16.72 24.96 3.37
CA SER C 171 15.49 25.69 3.24
C SER C 171 14.84 25.45 1.93
N GLU C 172 15.63 24.85 1.06
CA GLU C 172 15.21 24.50 -0.29
C GLU C 172 14.35 23.23 -0.36
N TYR C 173 14.38 22.37 0.68
CA TYR C 173 13.57 21.17 0.67
C TYR C 173 12.10 21.45 0.71
N ILE C 174 11.40 20.78 -0.17
CA ILE C 174 9.98 20.85 -0.28
C ILE C 174 9.41 19.52 0.22
N ALA C 175 8.47 19.52 1.18
CA ALA C 175 7.93 18.23 1.64
C ALA C 175 6.43 18.14 1.68
N THR C 176 5.88 16.98 1.44
CA THR C 176 4.44 16.86 1.50
C THR C 176 4.04 15.59 2.15
N VAL C 177 3.11 15.65 3.05
CA VAL C 177 2.75 14.39 3.63
C VAL C 177 1.58 13.94 2.82
N CYS C 178 1.77 12.87 2.04
CA CYS C 178 0.68 12.37 1.20
C CYS C 178 -0.20 11.40 1.90
N GLY C 179 -0.95 10.60 1.14
CA GLY C 179 -1.84 9.61 1.74
C GLY C 179 -3.22 10.13 2.02
N SER C 180 -3.97 9.34 2.79
CA SER C 180 -5.33 9.65 3.19
C SER C 180 -5.32 10.82 4.14
N PHE C 181 -4.21 10.95 4.84
CA PHE C 181 -4.10 12.05 5.76
C PHE C 181 -4.31 13.36 5.04
N ARG C 182 -3.71 13.43 3.86
CA ARG C 182 -3.76 14.55 2.97
C ARG C 182 -5.16 14.74 2.45
N ARG C 183 -5.83 13.64 2.20
CA ARG C 183 -7.21 13.63 1.72
C ARG C 183 -8.26 13.82 2.81
N GLY C 184 -7.93 14.39 3.98
CA GLY C 184 -8.90 14.56 5.05
C GLY C 184 -8.73 13.52 6.18
N ALA C 185 -8.94 12.24 5.85
CA ALA C 185 -8.84 11.03 6.69
C ALA C 185 -8.70 11.24 8.17
N GLU C 186 -9.57 10.58 8.98
CA GLU C 186 -9.52 10.72 10.45
C GLU C 186 -8.33 10.02 11.14
N SER C 187 -7.79 9.06 10.42
CA SER C 187 -6.67 8.30 10.89
C SER C 187 -5.97 7.74 9.69
N SER C 188 -4.78 7.24 9.89
CA SER C 188 -4.07 6.66 8.79
C SER C 188 -3.20 5.57 9.38
N GLY C 189 -2.69 4.67 8.52
CA GLY C 189 -1.86 3.59 9.06
C GLY C 189 -0.41 3.92 9.35
N ASP C 190 0.17 4.77 8.52
CA ASP C 190 1.54 5.23 8.60
C ASP C 190 1.70 6.50 7.82
N MET C 191 2.75 7.18 8.09
CA MET C 191 2.94 8.38 7.38
C MET C 191 3.83 8.32 6.13
N ASP C 192 3.40 8.98 5.05
CA ASP C 192 4.17 9.04 3.82
C ASP C 192 4.69 10.39 3.49
N VAL C 193 5.89 10.70 3.75
CA VAL C 193 6.30 12.01 3.34
C VAL C 193 6.98 11.96 1.99
N LEU C 194 6.54 12.66 0.94
CA LEU C 194 7.21 12.68 -0.39
C LEU C 194 8.18 13.83 -0.34
N LEU C 195 9.31 13.69 -0.95
CA LEU C 195 10.21 14.81 -0.84
C LEU C 195 11.06 15.06 -2.05
N THR C 196 11.51 16.28 -2.22
CA THR C 196 12.34 16.58 -3.39
C THR C 196 13.09 17.79 -3.06
N HIS C 197 13.90 18.13 -3.98
CA HIS C 197 14.68 19.28 -3.82
C HIS C 197 14.91 19.78 -5.24
N PRO C 198 15.37 21.02 -5.38
CA PRO C 198 15.63 21.64 -6.67
C PRO C 198 16.96 21.19 -7.27
N SER C 199 17.90 20.93 -6.41
CA SER C 199 19.14 20.51 -6.90
C SER C 199 19.00 19.09 -7.43
N PHE C 200 17.82 18.44 -7.29
CA PHE C 200 17.66 17.04 -7.80
C PHE C 200 16.38 16.75 -8.62
N THR C 201 16.67 16.44 -9.89
CA THR C 201 15.70 16.17 -10.94
C THR C 201 16.16 15.10 -11.93
N SER C 202 15.30 14.67 -12.87
CA SER C 202 15.58 13.63 -13.89
C SER C 202 17.08 13.40 -14.30
N GLU C 203 17.75 14.44 -14.84
CA GLU C 203 19.13 14.29 -15.23
C GLU C 203 20.11 14.29 -14.08
N SER C 204 20.45 15.51 -13.62
CA SER C 204 21.37 15.82 -12.50
C SER C 204 21.69 14.63 -11.61
N THR C 205 22.67 13.84 -12.03
CA THR C 205 23.08 12.64 -11.30
C THR C 205 23.03 12.57 -9.79
N LYS C 206 21.87 12.29 -9.26
CA LYS C 206 21.70 12.15 -7.83
C LYS C 206 22.36 13.19 -6.89
N GLN C 207 22.31 12.82 -5.59
CA GLN C 207 22.81 13.50 -4.38
C GLN C 207 22.24 12.77 -3.16
N PRO C 208 22.74 11.53 -2.99
CA PRO C 208 22.34 10.64 -1.93
C PRO C 208 22.24 11.34 -0.61
N LYS C 209 23.13 12.31 -0.42
CA LYS C 209 23.11 13.03 0.80
C LYS C 209 21.77 13.63 1.04
N LEU C 210 21.15 14.09 -0.07
CA LEU C 210 19.84 14.70 -0.03
C LEU C 210 18.92 14.03 0.95
N LEU C 211 18.76 12.73 0.81
CA LEU C 211 17.90 11.96 1.70
C LEU C 211 18.45 11.75 3.08
N HIS C 212 19.73 11.46 3.08
CA HIS C 212 20.56 11.19 4.24
C HIS C 212 20.56 12.29 5.26
N GLN C 213 20.82 13.52 4.81
CA GLN C 213 20.84 14.66 5.72
C GLN C 213 19.58 14.70 6.50
N VAL C 214 18.51 14.66 5.74
CA VAL C 214 17.25 14.70 6.39
C VAL C 214 17.00 13.62 7.42
N VAL C 215 17.21 12.39 7.00
CA VAL C 215 16.98 11.30 7.93
C VAL C 215 17.80 11.53 9.17
N GLU C 216 19.04 11.93 8.92
CA GLU C 216 19.95 12.21 9.99
C GLU C 216 19.36 13.22 10.99
N GLN C 217 18.82 14.30 10.48
CA GLN C 217 18.27 15.25 11.39
C GLN C 217 17.15 14.62 12.21
N LEU C 218 16.18 13.99 11.53
CA LEU C 218 15.04 13.38 12.15
C LEU C 218 15.34 12.55 13.37
N GLN C 219 16.39 11.79 13.22
CA GLN C 219 16.93 10.91 14.21
C GLN C 219 17.63 11.69 15.32
N LYS C 220 18.32 12.72 14.85
CA LYS C 220 19.08 13.58 15.72
C LYS C 220 18.24 14.01 16.87
N VAL C 221 17.04 14.47 16.56
CA VAL C 221 16.11 14.92 17.55
C VAL C 221 15.30 13.82 18.19
N HIS C 222 15.42 12.61 17.64
CA HIS C 222 14.68 11.48 18.17
C HIS C 222 13.32 11.28 17.64
N PHE C 223 13.08 11.71 16.40
CA PHE C 223 11.76 11.47 15.89
C PHE C 223 11.78 10.10 15.27
N ILE C 224 12.91 9.76 14.65
CA ILE C 224 13.05 8.48 14.05
C ILE C 224 13.78 7.65 15.00
N THR C 225 13.29 6.49 15.31
CA THR C 225 13.99 5.63 16.26
C THR C 225 14.60 4.42 15.57
N ASP C 226 14.03 4.01 14.47
CA ASP C 226 14.56 2.87 13.83
C ASP C 226 14.53 3.03 12.36
N THR C 227 15.30 2.11 11.79
CA THR C 227 15.51 1.98 10.39
C THR C 227 15.18 0.57 9.91
N LEU C 228 14.27 0.54 8.98
CA LEU C 228 13.84 -0.69 8.39
C LEU C 228 14.70 -0.84 7.14
N SER C 229 14.78 0.21 6.38
CA SER C 229 15.56 0.17 5.19
C SER C 229 15.92 1.59 4.74
N LYS C 230 17.15 1.85 4.46
CA LYS C 230 17.44 3.21 4.05
C LYS C 230 18.25 3.13 2.80
N GLY C 231 17.80 3.67 1.68
CA GLY C 231 18.62 3.58 0.52
C GLY C 231 18.85 4.98 0.07
N GLU C 232 19.38 5.16 -1.13
CA GLU C 232 19.61 6.50 -1.59
C GLU C 232 18.41 7.22 -2.08
N THR C 233 17.25 6.61 -2.04
CA THR C 233 16.12 7.37 -2.49
C THR C 233 14.90 7.07 -1.70
N LYS C 234 14.95 5.96 -0.95
CA LYS C 234 13.84 5.58 -0.14
C LYS C 234 14.26 5.10 1.18
N PHE C 235 13.88 5.87 2.16
CA PHE C 235 14.19 5.54 3.54
C PHE C 235 12.89 4.94 4.04
N MET C 236 12.88 3.91 4.90
CA MET C 236 11.68 3.25 5.50
C MET C 236 12.00 2.99 6.92
N GLY C 237 11.38 3.74 7.87
CA GLY C 237 11.69 3.53 9.26
C GLY C 237 10.51 3.51 10.20
N VAL C 238 10.86 3.96 11.45
CA VAL C 238 10.00 4.07 12.63
C VAL C 238 10.19 5.40 13.45
N CYS C 239 9.07 6.06 13.75
CA CYS C 239 9.11 7.31 14.52
C CYS C 239 8.18 7.24 15.67
N GLN C 240 8.36 8.23 16.57
CA GLN C 240 7.54 8.34 17.74
C GLN C 240 7.59 9.71 18.37
N LEU C 241 6.41 10.24 18.61
CA LEU C 241 6.33 11.56 19.21
C LEU C 241 6.65 11.44 20.67
N PRO C 242 7.44 12.43 21.04
CA PRO C 242 7.93 12.68 22.33
C PRO C 242 6.88 12.40 23.26
N SER C 243 7.26 11.56 24.16
CA SER C 243 6.35 11.17 25.16
C SER C 243 6.53 12.25 26.18
N LYS C 244 5.61 13.21 26.02
CA LYS C 244 5.40 14.45 26.76
C LYS C 244 6.02 14.49 28.15
N ASN C 245 5.19 14.89 29.09
CA ASN C 245 5.64 14.96 30.45
C ASN C 245 4.96 13.81 31.16
N ASP C 246 5.52 12.64 30.91
CA ASP C 246 5.15 11.35 31.43
C ASP C 246 3.79 10.99 32.05
N GLU C 247 3.43 9.78 31.70
CA GLU C 247 2.25 9.02 32.06
C GLU C 247 1.70 8.52 30.73
N LYS C 248 2.15 9.16 29.64
CA LYS C 248 1.70 8.76 28.32
C LYS C 248 2.72 8.84 27.18
N GLU C 249 3.36 7.71 26.87
CA GLU C 249 4.33 7.63 25.79
C GLU C 249 3.60 7.33 24.45
N TYR C 250 4.19 7.69 23.33
CA TYR C 250 3.50 7.42 22.11
C TYR C 250 3.85 6.09 21.33
N PRO C 251 2.87 5.52 20.67
CA PRO C 251 3.13 4.33 19.93
C PRO C 251 4.10 4.60 18.81
N HIS C 252 4.86 3.55 18.48
CA HIS C 252 5.85 3.52 17.44
C HIS C 252 5.12 3.42 16.15
N ARG C 253 5.40 4.41 15.29
CA ARG C 253 4.75 4.53 13.98
C ARG C 253 5.64 4.32 12.76
N ARG C 254 5.06 3.76 11.78
CA ARG C 254 5.86 3.53 10.60
C ARG C 254 6.02 4.75 9.75
N ILE C 255 7.19 5.03 9.31
CA ILE C 255 7.26 6.18 8.43
C ILE C 255 8.05 5.84 7.15
N ASP C 256 7.72 6.51 6.03
CA ASP C 256 8.37 6.32 4.75
C ASP C 256 8.70 7.65 4.18
N ILE C 257 9.89 7.81 3.75
CA ILE C 257 10.29 9.09 3.18
C ILE C 257 11.01 8.78 1.86
N ARG C 258 10.64 9.53 0.83
CA ARG C 258 11.23 9.30 -0.48
C ARG C 258 11.67 10.50 -1.27
N LEU C 259 12.92 10.47 -1.74
CA LEU C 259 13.49 11.55 -2.55
C LEU C 259 12.85 11.59 -3.93
N ILE C 260 12.63 12.76 -4.45
CA ILE C 260 12.01 12.78 -5.76
C ILE C 260 12.61 13.85 -6.60
N PRO C 261 12.82 13.50 -7.83
CA PRO C 261 13.39 14.43 -8.79
C PRO C 261 12.43 15.57 -8.79
N LYS C 262 12.92 16.80 -8.53
CA LYS C 262 11.99 17.93 -8.53
C LYS C 262 11.06 17.92 -9.76
N ASP C 263 11.59 17.48 -10.91
CA ASP C 263 10.72 17.47 -12.04
C ASP C 263 9.54 16.48 -12.05
N GLN C 264 9.33 15.72 -10.99
CA GLN C 264 8.19 14.80 -11.04
C GLN C 264 7.39 14.79 -9.76
N TYR C 265 7.74 15.76 -8.88
CA TYR C 265 7.09 15.91 -7.63
C TYR C 265 5.58 15.77 -7.77
N TYR C 266 4.87 16.82 -8.18
CA TYR C 266 3.42 16.80 -8.34
C TYR C 266 2.81 15.59 -8.90
N CYS C 267 3.42 14.98 -9.87
CA CYS C 267 2.79 13.77 -10.39
C CYS C 267 2.77 12.76 -9.30
N GLY C 268 3.97 12.60 -8.71
CA GLY C 268 4.16 11.68 -7.61
C GLY C 268 3.15 12.02 -6.52
N VAL C 269 3.17 13.29 -6.18
CA VAL C 269 2.32 13.78 -5.19
C VAL C 269 0.88 13.56 -5.53
N LEU C 270 0.59 13.81 -6.79
CA LEU C 270 -0.75 13.65 -7.19
C LEU C 270 -1.14 12.21 -6.97
N TYR C 271 -0.28 11.38 -7.43
CA TYR C 271 -0.45 9.95 -7.34
C TYR C 271 -0.70 9.33 -5.96
N PHE C 272 0.32 9.45 -5.10
CA PHE C 272 0.28 8.96 -3.74
C PHE C 272 -0.83 9.65 -2.99
N THR C 273 -1.40 10.73 -3.54
CA THR C 273 -2.49 11.36 -2.80
C THR C 273 -3.76 10.56 -2.96
N GLY C 274 -3.88 9.87 -4.09
CA GLY C 274 -5.05 9.07 -4.33
C GLY C 274 -6.30 9.91 -4.45
N SER C 275 -7.47 9.29 -4.22
CA SER C 275 -7.57 7.90 -3.87
C SER C 275 -7.31 6.98 -5.05
N ASP C 276 -7.26 5.69 -4.73
CA ASP C 276 -7.02 4.65 -5.72
C ASP C 276 -7.97 4.85 -6.89
N ILE C 277 -9.23 5.17 -6.58
CA ILE C 277 -10.25 5.42 -7.61
C ILE C 277 -10.16 6.79 -8.30
N PHE C 278 -9.89 7.83 -7.53
CA PHE C 278 -9.80 9.15 -8.10
C PHE C 278 -8.71 9.21 -9.14
N ASN C 279 -7.69 8.49 -8.81
CA ASN C 279 -6.55 8.40 -9.64
C ASN C 279 -6.94 7.86 -10.97
N LYS C 280 -7.36 6.59 -10.87
CA LYS C 280 -7.80 5.82 -11.99
C LYS C 280 -8.70 6.72 -12.77
N ASN C 281 -9.81 7.13 -12.18
CA ASN C 281 -10.71 8.02 -12.87
C ASN C 281 -9.98 9.23 -13.48
N MET C 282 -9.05 9.79 -12.73
CA MET C 282 -8.35 10.92 -13.30
C MET C 282 -7.58 10.49 -14.52
N ARG C 283 -6.92 9.34 -14.32
CA ARG C 283 -6.10 8.68 -15.28
C ARG C 283 -6.84 8.32 -16.52
N ALA C 284 -8.05 7.80 -16.31
CA ALA C 284 -8.92 7.41 -17.40
C ALA C 284 -9.31 8.68 -18.13
N HIS C 285 -9.33 9.75 -17.39
CA HIS C 285 -9.69 10.94 -18.04
C HIS C 285 -8.63 11.58 -18.96
N ALA C 286 -7.37 11.63 -18.50
CA ALA C 286 -6.31 12.23 -19.30
C ALA C 286 -6.24 11.64 -20.69
N LEU C 287 -6.65 10.36 -20.74
CA LEU C 287 -6.70 9.49 -21.91
C LEU C 287 -7.54 10.01 -23.06
N GLU C 288 -8.73 10.47 -22.71
CA GLU C 288 -9.60 11.02 -23.69
C GLU C 288 -8.99 12.33 -24.06
N LYS C 289 -8.72 13.10 -23.02
CA LYS C 289 -8.12 14.41 -23.16
C LYS C 289 -6.78 14.45 -23.87
N GLY C 290 -6.42 13.36 -24.55
CA GLY C 290 -5.16 13.30 -25.28
C GLY C 290 -3.93 13.20 -24.39
N PHE C 291 -4.00 12.38 -23.34
CA PHE C 291 -2.86 12.23 -22.45
C PHE C 291 -2.63 10.90 -21.89
N THR C 292 -1.72 10.97 -20.97
CA THR C 292 -1.29 9.83 -20.25
C THR C 292 -0.60 10.32 -19.00
N ILE C 293 -0.99 9.67 -17.92
CA ILE C 293 -0.54 9.93 -16.57
C ILE C 293 -0.18 8.64 -15.83
N ASN C 294 0.94 8.72 -15.12
CA ASN C 294 1.56 7.72 -14.31
C ASN C 294 2.28 8.45 -13.20
N GLU C 295 2.63 7.75 -12.18
CA GLU C 295 3.32 8.25 -11.05
C GLU C 295 4.40 9.35 -11.29
N TYR C 296 4.91 9.50 -12.52
CA TYR C 296 5.92 10.55 -12.63
C TYR C 296 5.78 11.59 -13.70
N THR C 297 4.83 11.47 -14.56
CA THR C 297 4.76 12.48 -15.57
C THR C 297 3.39 12.45 -16.21
N ILE C 298 3.28 13.29 -17.26
CA ILE C 298 2.10 13.43 -18.06
C ILE C 298 2.47 13.92 -19.45
N ARG C 299 2.38 12.92 -20.31
CA ARG C 299 2.69 12.98 -21.72
C ARG C 299 1.46 13.02 -22.66
N PRO C 300 1.56 13.95 -23.60
CA PRO C 300 0.54 14.16 -24.59
C PRO C 300 0.58 12.96 -25.47
N LEU C 301 -0.62 12.51 -25.76
CA LEU C 301 -0.88 11.37 -26.59
C LEU C 301 -0.83 11.74 -28.08
N GLY C 302 -0.35 10.80 -28.90
CA GLY C 302 -0.22 10.94 -30.35
C GLY C 302 -1.07 9.90 -31.05
N VAL C 303 -1.60 10.25 -32.20
CA VAL C 303 -2.45 9.31 -32.91
C VAL C 303 -1.96 7.92 -33.32
N THR C 304 -0.67 7.74 -33.72
CA THR C 304 -0.03 6.47 -34.15
C THR C 304 -0.33 5.24 -33.29
N GLY C 305 -1.02 5.56 -32.22
CA GLY C 305 -1.49 4.66 -31.22
C GLY C 305 -1.01 5.15 -29.88
N VAL C 306 0.29 5.56 -29.85
CA VAL C 306 1.00 6.05 -28.68
C VAL C 306 1.86 7.23 -29.03
N ALA C 307 2.47 7.82 -28.00
CA ALA C 307 3.35 8.98 -28.10
C ALA C 307 3.96 9.38 -26.74
N GLY C 308 5.08 10.15 -26.77
CA GLY C 308 5.79 10.61 -25.57
C GLY C 308 5.83 12.13 -25.36
N GLU C 309 6.93 12.62 -24.78
CA GLU C 309 7.13 14.05 -24.53
C GLU C 309 6.61 14.81 -23.29
N PRO C 310 7.08 14.39 -22.09
CA PRO C 310 6.80 14.87 -20.72
C PRO C 310 6.48 16.34 -20.42
N LEU C 311 5.20 16.71 -20.45
CA LEU C 311 4.82 18.06 -20.18
C LEU C 311 5.20 18.47 -18.77
N PRO C 312 5.64 19.76 -18.67
CA PRO C 312 6.09 20.52 -17.50
C PRO C 312 4.98 20.91 -16.56
N VAL C 313 5.20 20.47 -15.32
CA VAL C 313 4.37 20.60 -14.15
C VAL C 313 5.02 21.33 -12.95
N ASP C 314 4.37 22.43 -12.50
CA ASP C 314 4.79 23.26 -11.36
C ASP C 314 4.00 23.14 -10.07
N SER C 315 2.85 22.49 -10.20
CA SER C 315 1.93 22.21 -9.12
C SER C 315 0.86 21.26 -9.57
N GLU C 316 0.09 20.74 -8.60
CA GLU C 316 -1.00 19.78 -8.82
C GLU C 316 -1.95 20.29 -9.82
N LYS C 317 -1.99 21.59 -9.95
CA LYS C 317 -2.85 22.30 -10.87
C LYS C 317 -2.57 21.99 -12.33
N ASP C 318 -1.30 22.26 -12.76
CA ASP C 318 -0.85 22.02 -14.14
C ASP C 318 -1.38 20.74 -14.73
N ILE C 319 -1.29 19.71 -13.91
CA ILE C 319 -1.76 18.43 -14.30
C ILE C 319 -3.25 18.59 -14.65
N PHE C 320 -4.04 19.17 -13.69
CA PHE C 320 -5.46 19.40 -13.84
C PHE C 320 -5.70 20.08 -15.14
N ASP C 321 -5.19 21.30 -15.17
CA ASP C 321 -5.26 22.19 -16.31
C ASP C 321 -5.06 21.47 -17.60
N TYR C 322 -3.95 20.76 -17.65
CA TYR C 322 -3.60 20.00 -18.81
C TYR C 322 -4.78 19.19 -19.21
N ILE C 323 -5.17 18.30 -18.33
CA ILE C 323 -6.30 17.49 -18.65
C ILE C 323 -7.57 18.28 -18.61
N GLN C 324 -7.45 19.57 -18.34
CA GLN C 324 -8.63 20.45 -18.27
C GLN C 324 -9.79 19.98 -17.40
N TRP C 325 -9.56 20.00 -16.09
CA TRP C 325 -10.53 19.61 -15.10
C TRP C 325 -10.55 20.65 -14.01
N LYS C 326 -11.47 20.43 -13.08
CA LYS C 326 -11.66 21.29 -11.94
C LYS C 326 -10.67 20.86 -10.90
N TYR C 327 -9.83 21.79 -10.41
CA TYR C 327 -8.87 21.40 -9.40
C TYR C 327 -9.69 20.84 -8.26
N ARG C 328 -9.28 19.67 -7.81
CA ARG C 328 -9.98 19.03 -6.73
C ARG C 328 -9.12 18.98 -5.49
N GLU C 329 -9.66 19.59 -4.45
CA GLU C 329 -8.96 19.62 -3.21
C GLU C 329 -8.79 18.21 -2.84
N PRO C 330 -7.69 17.95 -2.19
CA PRO C 330 -7.37 16.62 -1.74
C PRO C 330 -8.56 15.98 -1.03
N LYS C 331 -9.20 16.78 -0.17
CA LYS C 331 -10.35 16.38 0.59
C LYS C 331 -11.33 15.60 -0.24
N ASP C 332 -11.50 16.07 -1.47
CA ASP C 332 -12.42 15.44 -2.39
C ASP C 332 -11.80 14.73 -3.59
N ARG C 333 -10.79 13.94 -3.29
CA ARG C 333 -10.09 13.16 -4.28
C ARG C 333 -10.54 11.77 -3.91
N SER C 334 -11.60 11.79 -3.13
CA SER C 334 -12.21 10.58 -2.64
C SER C 334 -12.65 9.52 -3.62
N GLU C 335 -12.81 9.92 -4.90
CA GLU C 335 -13.22 8.99 -5.95
C GLU C 335 -13.42 9.71 -7.26
MN MN D . 0.63 4.75 4.31
NA NA E . 4.19 -9.27 7.22
NA NA F . -16.13 -21.15 -19.28
PA ATP G . 0.80 4.41 1.90
O1A ATP G . 1.99 4.13 2.75
O2A ATP G . 0.27 3.33 1.01
O3A ATP G . -0.36 4.98 2.84
O5' ATP G . 1.06 5.78 1.13
C5' ATP G . 1.46 5.89 -0.22
C4' ATP G . 0.54 6.84 -0.93
O4' ATP G . 0.20 6.27 -2.21
C3' ATP G . -0.78 7.10 -0.22
C2' ATP G . -1.82 6.43 -1.14
C1' ATP G . -1.14 6.47 -2.48
PG ATP H . -2.85 5.27 5.07
O1G ATP H . -2.33 6.57 4.54
O2G ATP H . -3.62 5.28 6.36
O3G ATP H . -1.65 4.24 5.18
PB ATP H . -4.23 4.56 2.47
O1B ATP H . -5.66 4.19 2.45
O2B ATP H . -3.82 5.87 1.87
O3B ATP H . -3.74 4.44 3.97
O3A ATP H . -3.40 3.33 1.76
#